data_3CS7
#
_entry.id   3CS7
#
_cell.length_a   56.500
_cell.length_b   72.600
_cell.length_c   79.000
_cell.angle_alpha   90.000
_cell.angle_beta   90.000
_cell.angle_gamma   90.000
#
_symmetry.space_group_name_H-M   'P 21 21 21'
#
loop_
_entity.id
_entity.type
_entity.pdbx_description
1 polymer 'Coagulation factor X'
2 polymer 'Coagulation factor X'
3 non-polymer 'CALCIUM ION'
4 non-polymer 1-(4-methoxyphenyl)-6-(4-(1-(pyrrolidin-1-ylmethyl)cyclopropyl)phenyl)-3-(trifluoromethyl)-5,6-dihydro-1H-pyrazolo[3,4-c]pyridin-7(4H)-one
5 water water
#
loop_
_entity_poly.entity_id
_entity_poly.type
_entity_poly.pdbx_seq_one_letter_code
_entity_poly.pdbx_strand_id
1 'polypeptide(L)'
;IVGGQECKDGECPWQALLINEENEGFCGGTILSEFYILTAAHCLYQAKRFKVRVGDRNTEQEEGGEAVHEVEVVIKHNRF
TKETYDFDIAVLRLKTPITFRMNVAPACLPERDWAESTLMTQKTGIVSGFGRTHEKGRQSTRLKMLEVPYVDRNSCKLSS
SFIITQNMFCAGYDTKQEDACQGDSGGPHVTRFKDTYFVTGIVSWGEGCARKGKYGIYTKVTAFLKWIDRSMKT
;
A
2 'polypeptide(L)' KLCSLDNGDCDQFCHEEQNSVVCSCARGYTLADNGKACIPTGPYPCGKQTLE L
#
# COMPACT_ATOMS: atom_id res chain seq x y z
N ILE A 1 -13.25 0.77 4.59
CA ILE A 1 -13.51 0.04 3.32
C ILE A 1 -15.02 -0.16 3.12
N VAL A 2 -15.53 0.29 1.98
CA VAL A 2 -16.95 0.13 1.66
C VAL A 2 -17.06 -1.14 0.82
N GLY A 3 -17.79 -2.12 1.34
CA GLY A 3 -17.94 -3.36 0.62
C GLY A 3 -16.75 -4.25 0.95
N GLY A 4 -16.23 -4.97 -0.04
CA GLY A 4 -15.08 -5.84 0.20
C GLY A 4 -15.35 -6.92 1.23
N GLN A 5 -14.28 -7.51 1.76
CA GLN A 5 -14.38 -8.58 2.74
C GLN A 5 -13.45 -8.31 3.91
N GLU A 6 -13.64 -9.01 5.02
CA GLU A 6 -12.75 -8.85 6.18
C GLU A 6 -11.42 -9.51 5.84
N CYS A 7 -10.32 -8.93 6.32
CA CYS A 7 -9.03 -9.54 6.07
C CYS A 7 -8.94 -10.74 6.99
N LYS A 8 -8.81 -11.93 6.41
CA LYS A 8 -8.72 -13.13 7.21
C LYS A 8 -7.29 -13.31 7.69
N ASP A 9 -7.15 -14.09 8.75
CA ASP A 9 -5.86 -14.35 9.38
C ASP A 9 -4.63 -14.43 8.45
N GLY A 10 -3.74 -13.47 8.60
CA GLY A 10 -2.53 -13.45 7.82
C GLY A 10 -2.64 -12.95 6.40
N GLU A 11 -3.84 -12.53 5.97
CA GLU A 11 -4.00 -12.05 4.60
C GLU A 11 -3.50 -10.63 4.34
N CYS A 12 -3.38 -9.81 5.38
CA CYS A 12 -2.93 -8.43 5.19
C CYS A 12 -1.93 -8.03 6.27
N PRO A 13 -0.83 -8.80 6.39
CA PRO A 13 0.24 -8.59 7.37
C PRO A 13 1.01 -7.27 7.27
N TRP A 14 0.91 -6.60 6.14
CA TRP A 14 1.64 -5.35 5.97
C TRP A 14 0.83 -4.11 6.34
N GLN A 15 -0.36 -4.32 6.89
CA GLN A 15 -1.22 -3.20 7.28
C GLN A 15 -0.78 -2.61 8.61
N ALA A 16 -0.65 -1.29 8.65
CA ALA A 16 -0.30 -0.57 9.87
C ALA A 16 -1.46 0.38 10.14
N LEU A 17 -1.62 0.77 11.40
CA LEU A 17 -2.70 1.67 11.78
C LEU A 17 -2.17 2.77 12.69
N LEU A 18 -2.37 4.01 12.30
CA LEU A 18 -1.94 5.15 13.09
C LEU A 18 -3.03 5.41 14.13
N ILE A 19 -2.64 5.48 15.39
CA ILE A 19 -3.59 5.72 16.47
C ILE A 19 -3.28 7.03 17.18
N ASN A 20 -4.33 7.72 17.60
CA ASN A 20 -4.16 8.98 18.30
C ASN A 20 -4.02 8.79 19.80
N GLU A 21 -4.04 9.89 20.54
CA GLU A 21 -3.90 9.89 22.00
C GLU A 21 -4.85 8.94 22.73
N GLU A 22 -6.07 8.80 22.22
CA GLU A 22 -7.05 7.92 22.86
C GLU A 22 -7.04 6.53 22.25
N ASN A 23 -5.95 6.18 21.58
CA ASN A 23 -5.81 4.87 20.93
C ASN A 23 -6.84 4.62 19.82
N GLU A 24 -7.27 5.69 19.17
CA GLU A 24 -8.24 5.58 18.09
C GLU A 24 -7.49 5.60 16.75
N GLY A 25 -7.85 4.69 15.85
CA GLY A 25 -7.21 4.67 14.55
C GLY A 25 -7.80 5.78 13.71
N PHE A 26 -6.97 6.57 13.06
CA PHE A 26 -7.48 7.65 12.22
C PHE A 26 -6.96 7.52 10.79
N CYS A 27 -5.94 6.71 10.61
CA CYS A 27 -5.36 6.48 9.28
C CYS A 27 -4.62 5.14 9.22
N GLY A 28 -4.23 4.75 8.01
CA GLY A 28 -3.52 3.50 7.85
C GLY A 28 -2.09 3.77 7.38
N GLY A 29 -1.37 2.69 7.09
CA GLY A 29 0.00 2.80 6.62
C GLY A 29 0.43 1.44 6.10
N THR A 30 1.59 1.37 5.46
CA THR A 30 2.08 0.10 4.95
C THR A 30 3.46 -0.20 5.51
N ILE A 31 3.62 -1.37 6.11
CA ILE A 31 4.92 -1.77 6.65
C ILE A 31 5.87 -1.97 5.47
N LEU A 32 6.99 -1.25 5.46
CA LEU A 32 7.98 -1.38 4.38
C LEU A 32 9.18 -2.21 4.83
N SER A 33 9.47 -2.17 6.13
CA SER A 33 10.58 -2.93 6.69
C SER A 33 10.48 -2.87 8.22
N GLU A 34 11.46 -3.43 8.93
CA GLU A 34 11.36 -3.43 10.38
C GLU A 34 11.30 -2.06 11.04
N PHE A 35 11.84 -1.03 10.38
CA PHE A 35 11.84 0.34 10.94
C PHE A 35 11.01 1.38 10.18
N TYR A 36 10.47 1.03 9.02
CA TYR A 36 9.73 2.02 8.22
C TYR A 36 8.27 1.76 7.86
N ILE A 37 7.46 2.80 8.04
CA ILE A 37 6.05 2.75 7.72
C ILE A 37 5.78 3.76 6.60
N LEU A 38 5.03 3.34 5.58
CA LEU A 38 4.68 4.22 4.48
C LEU A 38 3.25 4.69 4.72
N THR A 39 2.99 5.98 4.54
CA THR A 39 1.66 6.52 4.75
C THR A 39 1.42 7.80 3.93
N ALA A 40 0.28 8.44 4.14
CA ALA A 40 -0.04 9.67 3.42
C ALA A 40 0.29 10.90 4.25
N ALA A 41 0.82 11.92 3.57
CA ALA A 41 1.18 13.17 4.22
C ALA A 41 0.00 13.85 4.91
N HIS A 42 -1.16 13.89 4.26
CA HIS A 42 -2.31 14.56 4.87
C HIS A 42 -2.73 13.90 6.18
N CYS A 43 -2.28 12.67 6.40
CA CYS A 43 -2.63 11.97 7.64
C CYS A 43 -1.91 12.59 8.84
N LEU A 44 -0.80 13.27 8.57
CA LEU A 44 -0.01 13.88 9.63
C LEU A 44 -0.67 15.09 10.29
N TYR A 45 -1.61 15.72 9.59
CA TYR A 45 -2.31 16.88 10.12
C TYR A 45 -3.64 16.43 10.72
N GLN A 46 -3.85 15.12 10.78
CA GLN A 46 -5.09 14.55 11.32
C GLN A 46 -4.96 14.19 12.79
N ALA A 47 -3.77 14.39 13.35
CA ALA A 47 -3.52 14.09 14.75
C ALA A 47 -2.23 14.74 15.23
N LYS A 48 -2.24 15.24 16.46
CA LYS A 48 -1.08 15.88 17.05
C LYS A 48 -0.01 14.85 17.46
N ARG A 49 -0.38 13.96 18.37
CA ARG A 49 0.53 12.92 18.86
C ARG A 49 -0.03 11.56 18.45
N PHE A 50 0.77 10.74 17.76
CA PHE A 50 0.28 9.42 17.32
C PHE A 50 1.35 8.33 17.27
N LYS A 51 0.91 7.08 17.42
CA LYS A 51 1.78 5.91 17.38
C LYS A 51 1.30 5.02 16.23
N VAL A 52 2.05 3.95 15.98
CA VAL A 52 1.73 2.98 14.91
C VAL A 52 1.52 1.59 15.46
N ARG A 53 0.34 1.02 15.21
CA ARG A 53 0.01 -0.32 15.67
C ARG A 53 0.01 -1.31 14.50
N VAL A 54 0.62 -2.46 14.71
CA VAL A 54 0.70 -3.50 13.69
C VAL A 54 0.18 -4.84 14.23
N GLY A 55 -0.15 -5.74 13.30
CA GLY A 55 -0.65 -7.05 13.68
C GLY A 55 -2.08 -7.06 14.21
N ASP A 56 -2.81 -5.97 14.03
CA ASP A 56 -4.18 -5.89 14.54
C ASP A 56 -5.23 -6.13 13.45
N ARG A 57 -6.26 -6.90 13.78
CA ARG A 57 -7.32 -7.17 12.81
C ARG A 57 -8.70 -6.83 13.38
N ASN A 58 -8.77 -6.75 14.70
CA ASN A 58 -10.02 -6.48 15.40
C ASN A 58 -9.74 -5.56 16.57
N THR A 59 -9.93 -4.26 16.38
CA THR A 59 -9.68 -3.27 17.42
C THR A 59 -10.55 -3.37 18.68
N GLU A 60 -11.48 -4.31 18.70
CA GLU A 60 -12.37 -4.49 19.85
C GLU A 60 -11.77 -5.20 21.06
N GLN A 61 -10.79 -6.08 20.83
CA GLN A 61 -10.18 -6.81 21.94
C GLN A 61 -8.68 -7.03 21.76
N GLU A 62 -8.07 -7.75 22.68
CA GLU A 62 -6.64 -8.02 22.62
C GLU A 62 -6.38 -9.42 22.11
N GLU A 63 -6.02 -9.54 20.83
CA GLU A 63 -5.73 -10.84 20.25
C GLU A 63 -4.47 -11.41 20.91
N GLY A 64 -3.35 -10.76 20.63
CA GLY A 64 -2.08 -11.20 21.18
C GLY A 64 -0.91 -10.85 20.28
N GLY A 65 -1.16 -10.78 18.97
CA GLY A 65 -0.09 -10.47 18.05
C GLY A 65 0.11 -8.99 17.75
N GLU A 66 -0.60 -8.13 18.46
CA GLU A 66 -0.47 -6.70 18.22
C GLU A 66 0.76 -6.09 18.88
N ALA A 67 1.24 -4.99 18.31
CA ALA A 67 2.39 -4.31 18.84
C ALA A 67 2.36 -2.84 18.45
N VAL A 68 2.52 -1.97 19.42
CA VAL A 68 2.53 -0.54 19.16
C VAL A 68 3.99 -0.09 19.07
N HIS A 69 4.24 0.88 18.20
CA HIS A 69 5.57 1.42 18.01
C HIS A 69 5.50 2.91 17.95
N GLU A 70 6.40 3.56 18.67
CA GLU A 70 6.45 5.00 18.68
C GLU A 70 7.19 5.42 17.42
N VAL A 71 6.90 6.63 16.95
CA VAL A 71 7.55 7.15 15.76
C VAL A 71 8.77 7.94 16.18
N GLU A 72 9.90 7.68 15.52
CA GLU A 72 11.13 8.38 15.84
C GLU A 72 11.23 9.60 14.94
N VAL A 73 11.12 9.38 13.64
CA VAL A 73 11.22 10.45 12.67
C VAL A 73 10.08 10.42 11.65
N VAL A 74 9.49 11.58 11.41
CA VAL A 74 8.43 11.73 10.43
C VAL A 74 9.07 12.41 9.23
N ILE A 75 9.06 11.73 8.09
CA ILE A 75 9.63 12.25 6.85
C ILE A 75 8.52 12.55 5.86
N LYS A 76 8.07 13.80 5.86
CA LYS A 76 7.00 14.25 4.98
C LYS A 76 7.61 14.76 3.67
N HIS A 77 6.88 14.59 2.57
CA HIS A 77 7.37 15.08 1.30
C HIS A 77 7.13 16.58 1.29
N ASN A 78 8.19 17.37 1.10
CA ASN A 78 8.05 18.82 1.13
C ASN A 78 7.16 19.44 0.07
N ARG A 79 6.89 18.70 -1.01
CA ARG A 79 6.04 19.22 -2.08
C ARG A 79 4.57 18.99 -1.80
N PHE A 80 4.26 18.26 -0.74
CA PHE A 80 2.87 18.02 -0.40
C PHE A 80 2.09 19.32 -0.25
N THR A 81 0.90 19.37 -0.86
CA THR A 81 0.06 20.56 -0.79
C THR A 81 -1.33 20.19 -0.30
N LYS A 82 -1.77 20.84 0.78
CA LYS A 82 -3.08 20.57 1.36
C LYS A 82 -4.23 20.89 0.41
N GLU A 83 -3.97 21.76 -0.56
CA GLU A 83 -4.98 22.19 -1.51
C GLU A 83 -5.39 21.16 -2.55
N THR A 84 -4.41 20.47 -3.12
CA THR A 84 -4.69 19.47 -4.14
C THR A 84 -4.32 18.04 -3.70
N TYR A 85 -3.63 17.93 -2.58
CA TYR A 85 -3.18 16.63 -2.06
C TYR A 85 -2.12 16.01 -2.97
N ASP A 86 -1.46 16.84 -3.77
CA ASP A 86 -0.42 16.35 -4.67
C ASP A 86 0.80 16.04 -3.80
N PHE A 87 1.56 15.01 -4.16
CA PHE A 87 2.72 14.61 -3.39
C PHE A 87 2.27 14.14 -1.99
N ASP A 88 1.18 13.38 -1.97
CA ASP A 88 0.64 12.86 -0.70
C ASP A 88 1.39 11.61 -0.27
N ILE A 89 2.59 11.80 0.27
CA ILE A 89 3.41 10.67 0.69
C ILE A 89 4.34 11.02 1.84
N ALA A 90 4.44 10.11 2.79
CA ALA A 90 5.29 10.30 3.95
C ALA A 90 5.80 8.93 4.41
N VAL A 91 6.97 8.94 5.05
CA VAL A 91 7.57 7.72 5.58
C VAL A 91 7.83 7.94 7.06
N LEU A 92 7.60 6.90 7.84
CA LEU A 92 7.81 6.97 9.28
C LEU A 92 8.93 6.06 9.73
N ARG A 93 9.85 6.61 10.51
CA ARG A 93 10.97 5.86 11.07
C ARG A 93 10.51 5.51 12.47
N LEU A 94 10.49 4.23 12.80
CA LEU A 94 10.05 3.81 14.14
C LEU A 94 11.20 3.81 15.14
N LYS A 95 10.89 4.04 16.42
CA LYS A 95 11.92 4.03 17.45
C LYS A 95 12.47 2.62 17.68
N THR A 96 11.57 1.64 17.65
CA THR A 96 11.97 0.25 17.85
C THR A 96 11.57 -0.55 16.62
N PRO A 97 12.34 -1.61 16.31
CA PRO A 97 12.03 -2.44 15.14
C PRO A 97 10.82 -3.34 15.30
N ILE A 98 10.08 -3.51 14.21
CA ILE A 98 8.90 -4.36 14.19
C ILE A 98 9.35 -5.82 14.20
N THR A 99 8.70 -6.64 15.00
CA THR A 99 9.02 -8.06 15.04
C THR A 99 8.03 -8.75 14.12
N PHE A 100 8.51 -9.22 12.97
CA PHE A 100 7.64 -9.89 12.02
C PHE A 100 7.17 -11.23 12.60
N ARG A 101 5.91 -11.53 12.35
CA ARG A 101 5.29 -12.75 12.83
C ARG A 101 3.96 -12.86 12.10
N MET A 102 3.10 -13.77 12.57
CA MET A 102 1.79 -13.94 11.97
C MET A 102 1.10 -12.57 11.97
N ASN A 103 0.54 -12.21 10.81
CA ASN A 103 -0.15 -10.94 10.60
C ASN A 103 0.75 -9.71 10.57
N VAL A 104 2.05 -9.89 10.72
CA VAL A 104 2.97 -8.75 10.69
C VAL A 104 4.14 -9.03 9.76
N ALA A 105 4.14 -8.39 8.61
CA ALA A 105 5.20 -8.58 7.62
C ALA A 105 5.13 -7.45 6.59
N PRO A 106 6.28 -7.09 6.00
CA PRO A 106 6.32 -6.00 5.02
C PRO A 106 5.83 -6.40 3.63
N ALA A 107 5.37 -5.40 2.89
CA ALA A 107 4.94 -5.61 1.52
C ALA A 107 6.22 -5.27 0.75
N CYS A 108 6.37 -5.76 -0.49
CA CYS A 108 7.59 -5.45 -1.27
C CYS A 108 7.50 -4.15 -2.05
N LEU A 109 8.63 -3.48 -2.15
CA LEU A 109 8.72 -2.26 -2.94
C LEU A 109 9.24 -2.72 -4.30
N PRO A 110 8.50 -2.44 -5.38
CA PRO A 110 8.90 -2.83 -6.74
C PRO A 110 9.83 -1.81 -7.38
N GLU A 111 10.34 -2.15 -8.57
CA GLU A 111 11.19 -1.23 -9.33
C GLU A 111 10.20 -0.48 -10.22
N ARG A 112 10.51 0.79 -10.50
CA ARG A 112 9.64 1.65 -11.30
C ARG A 112 9.14 1.14 -12.65
N ASP A 113 10.05 0.97 -13.60
CA ASP A 113 9.65 0.52 -14.94
C ASP A 113 8.82 -0.76 -14.93
N TRP A 114 9.30 -1.78 -14.22
CA TRP A 114 8.58 -3.04 -14.16
C TRP A 114 7.20 -2.86 -13.53
N ALA A 115 7.16 -2.13 -12.42
CA ALA A 115 5.89 -1.90 -11.74
C ALA A 115 4.85 -1.22 -12.66
N GLU A 116 5.26 -0.17 -13.36
CA GLU A 116 4.34 0.56 -14.24
C GLU A 116 3.92 -0.25 -15.45
N SER A 117 4.84 -1.06 -15.95
CA SER A 117 4.58 -1.88 -17.12
C SER A 117 3.87 -3.22 -16.83
N THR A 118 4.21 -3.84 -15.70
CA THR A 118 3.65 -5.14 -15.39
C THR A 118 2.62 -5.17 -14.26
N LEU A 119 2.81 -4.34 -13.24
CA LEU A 119 1.90 -4.31 -12.12
C LEU A 119 0.65 -3.47 -12.33
N MET A 120 0.85 -2.22 -12.77
CA MET A 120 -0.27 -1.32 -12.97
C MET A 120 -1.05 -1.51 -14.27
N THR A 121 -0.67 -2.50 -15.06
CA THR A 121 -1.35 -2.78 -16.32
C THR A 121 -2.26 -3.97 -16.12
N GLN A 122 -2.26 -4.50 -14.90
CA GLN A 122 -3.13 -5.61 -14.58
C GLN A 122 -4.51 -5.03 -14.33
N LYS A 123 -5.50 -5.90 -14.21
CA LYS A 123 -6.86 -5.44 -14.00
C LYS A 123 -7.11 -4.83 -12.63
N THR A 124 -6.64 -5.49 -11.59
CA THR A 124 -6.90 -4.99 -10.24
C THR A 124 -5.72 -4.91 -9.25
N GLY A 125 -6.00 -4.20 -8.16
CA GLY A 125 -5.06 -4.05 -7.08
C GLY A 125 -5.86 -4.39 -5.83
N ILE A 126 -5.27 -4.26 -4.66
CA ILE A 126 -5.99 -4.53 -3.43
C ILE A 126 -5.75 -3.40 -2.45
N VAL A 127 -6.84 -2.86 -1.90
CA VAL A 127 -6.74 -1.80 -0.92
C VAL A 127 -7.30 -2.36 0.37
N SER A 128 -6.87 -1.83 1.50
CA SER A 128 -7.34 -2.34 2.78
C SER A 128 -7.29 -1.29 3.87
N GLY A 129 -8.03 -1.51 4.96
CA GLY A 129 -8.05 -0.55 6.04
C GLY A 129 -9.17 -0.70 7.07
N PHE A 130 -9.10 0.12 8.12
CA PHE A 130 -10.09 0.12 9.19
C PHE A 130 -11.08 1.28 9.02
N GLY A 131 -11.01 1.94 7.86
CA GLY A 131 -11.90 3.07 7.60
C GLY A 131 -13.38 2.75 7.57
N ARG A 132 -14.17 3.82 7.38
CA ARG A 132 -15.62 3.71 7.32
C ARG A 132 -16.11 2.66 6.36
N THR A 133 -17.21 2.00 6.73
CA THR A 133 -17.81 0.97 5.89
C THR A 133 -18.93 1.57 5.04
N HIS A 134 -19.24 2.84 5.34
CA HIS A 134 -20.25 3.62 4.62
C HIS A 134 -19.76 5.06 4.73
N GLU A 135 -20.10 5.90 3.76
CA GLU A 135 -19.65 7.29 3.79
C GLU A 135 -20.02 8.03 5.08
N LYS A 136 -21.18 7.72 5.64
CA LYS A 136 -21.64 8.38 6.85
C LYS A 136 -21.41 7.53 8.11
N GLY A 137 -20.97 6.30 7.91
CA GLY A 137 -20.74 5.40 9.05
C GLY A 137 -19.53 5.71 9.91
N ARG A 138 -19.27 4.83 10.86
CA ARG A 138 -18.14 4.98 11.78
C ARG A 138 -16.98 4.06 11.37
N GLN A 139 -15.80 4.33 11.91
CA GLN A 139 -14.62 3.54 11.61
C GLN A 139 -14.90 2.06 11.86
N SER A 140 -14.34 1.21 11.03
CA SER A 140 -14.53 -0.22 11.17
C SER A 140 -13.65 -0.73 12.31
N THR A 141 -14.14 -1.73 13.03
CA THR A 141 -13.37 -2.32 14.12
C THR A 141 -12.65 -3.54 13.56
N ARG A 142 -13.04 -3.95 12.35
CA ARG A 142 -12.42 -5.09 11.69
C ARG A 142 -11.63 -4.60 10.47
N LEU A 143 -10.44 -5.14 10.29
CA LEU A 143 -9.62 -4.78 9.14
C LEU A 143 -10.25 -5.36 7.88
N LYS A 144 -10.33 -4.56 6.82
CA LYS A 144 -10.93 -5.04 5.59
C LYS A 144 -10.00 -4.89 4.38
N MET A 145 -10.34 -5.57 3.30
CA MET A 145 -9.59 -5.52 2.06
C MET A 145 -10.63 -5.47 0.93
N LEU A 146 -10.24 -4.96 -0.23
CA LEU A 146 -11.14 -4.85 -1.35
C LEU A 146 -10.35 -4.81 -2.66
N GLU A 147 -10.73 -5.67 -3.61
CA GLU A 147 -10.06 -5.65 -4.90
C GLU A 147 -10.64 -4.46 -5.66
N VAL A 148 -9.78 -3.56 -6.11
CA VAL A 148 -10.25 -2.40 -6.85
C VAL A 148 -9.54 -2.37 -8.19
N PRO A 149 -10.30 -2.32 -9.28
CA PRO A 149 -9.68 -2.30 -10.61
C PRO A 149 -8.99 -0.97 -10.94
N TYR A 150 -7.97 -1.05 -11.77
CA TYR A 150 -7.27 0.16 -12.19
C TYR A 150 -8.20 0.91 -13.12
N VAL A 151 -8.32 2.21 -12.93
CA VAL A 151 -9.19 3.02 -13.77
C VAL A 151 -8.40 3.78 -14.83
N ASP A 152 -8.90 3.75 -16.05
CA ASP A 152 -8.28 4.46 -17.17
C ASP A 152 -8.01 5.90 -16.73
N ARG A 153 -6.80 6.37 -17.01
CA ARG A 153 -6.39 7.72 -16.63
C ARG A 153 -7.27 8.82 -17.24
N ASN A 154 -7.60 8.69 -18.52
CA ASN A 154 -8.43 9.69 -19.19
C ASN A 154 -9.82 9.76 -18.55
N SER A 155 -10.45 8.59 -18.40
CA SER A 155 -11.78 8.51 -17.81
C SER A 155 -11.88 9.09 -16.40
N CYS A 156 -10.86 8.88 -15.58
CA CYS A 156 -10.91 9.40 -14.22
C CYS A 156 -10.71 10.90 -14.18
N LYS A 157 -9.95 11.44 -15.13
CA LYS A 157 -9.74 12.88 -15.18
C LYS A 157 -11.08 13.54 -15.47
N LEU A 158 -11.85 12.92 -16.37
CA LEU A 158 -13.14 13.44 -16.74
C LEU A 158 -14.16 13.31 -15.61
N SER A 159 -13.98 12.31 -14.76
CA SER A 159 -14.90 12.06 -13.65
C SER A 159 -14.64 12.99 -12.47
N SER A 160 -13.38 13.39 -12.30
CA SER A 160 -12.99 14.23 -11.17
C SER A 160 -13.30 15.71 -11.30
N SER A 161 -13.58 16.32 -10.15
CA SER A 161 -13.86 17.74 -10.07
C SER A 161 -12.55 18.43 -9.72
N PHE A 162 -11.59 17.63 -9.27
CA PHE A 162 -10.29 18.12 -8.87
C PHE A 162 -9.19 17.54 -9.75
N ILE A 163 -8.14 18.31 -9.97
CA ILE A 163 -7.03 17.89 -10.81
C ILE A 163 -6.36 16.59 -10.39
N ILE A 164 -6.24 15.67 -11.34
CA ILE A 164 -5.58 14.39 -11.09
C ILE A 164 -4.17 14.53 -11.66
N THR A 165 -3.22 14.79 -10.77
CA THR A 165 -1.82 14.97 -11.18
C THR A 165 -1.13 13.67 -11.56
N GLN A 166 0.08 13.83 -12.09
CA GLN A 166 0.91 12.71 -12.51
C GLN A 166 1.34 11.84 -11.33
N ASN A 167 1.26 12.41 -10.12
CA ASN A 167 1.64 11.69 -8.91
C ASN A 167 0.50 10.86 -8.29
N MET A 168 -0.57 10.67 -9.04
CA MET A 168 -1.69 9.89 -8.54
C MET A 168 -2.35 9.09 -9.66
N PHE A 169 -3.10 8.06 -9.29
CA PHE A 169 -3.81 7.25 -10.26
C PHE A 169 -5.15 6.91 -9.63
N CYS A 170 -6.08 6.43 -10.43
CA CYS A 170 -7.41 6.10 -9.92
C CYS A 170 -7.67 4.61 -9.91
N ALA A 171 -8.51 4.18 -8.97
CA ALA A 171 -8.88 2.78 -8.86
C ALA A 171 -10.26 2.68 -8.22
N GLY A 172 -10.99 1.64 -8.55
CA GLY A 172 -12.30 1.49 -7.97
C GLY A 172 -13.37 1.15 -8.99
N TYR A 173 -14.58 1.62 -8.74
CA TYR A 173 -15.72 1.35 -9.61
C TYR A 173 -16.50 2.60 -9.96
N ASP A 174 -17.05 2.60 -11.17
CA ASP A 174 -17.86 3.72 -11.65
C ASP A 174 -19.11 3.80 -10.77
N THR A 175 -19.92 2.75 -10.82
CA THR A 175 -21.16 2.71 -10.05
C THR A 175 -21.21 1.72 -8.89
N LYS A 176 -20.48 0.61 -8.99
CA LYS A 176 -20.50 -0.39 -7.92
C LYS A 176 -20.17 0.20 -6.56
N GLN A 177 -20.88 -0.25 -5.53
CA GLN A 177 -20.73 0.24 -4.16
C GLN A 177 -19.54 -0.30 -3.36
N GLU A 178 -18.34 -0.12 -3.88
CA GLU A 178 -17.13 -0.57 -3.19
C GLU A 178 -16.06 0.48 -3.42
N ASP A 179 -15.30 0.81 -2.37
CA ASP A 179 -14.28 1.83 -2.48
C ASP A 179 -13.58 1.95 -1.12
N ALA A 180 -12.50 2.71 -1.07
CA ALA A 180 -11.81 2.95 0.18
C ALA A 180 -12.65 4.07 0.78
N CYS A 181 -12.25 4.59 1.94
CA CYS A 181 -13.04 5.64 2.57
C CYS A 181 -12.29 6.24 3.77
N GLN A 182 -12.83 7.34 4.29
CA GLN A 182 -12.26 8.03 5.45
C GLN A 182 -11.75 7.02 6.50
N GLY A 183 -10.48 7.16 6.89
CA GLY A 183 -9.90 6.26 7.87
C GLY A 183 -8.94 5.28 7.22
N ASP A 184 -9.15 5.02 5.93
CA ASP A 184 -8.28 4.12 5.19
C ASP A 184 -7.08 4.84 4.62
N SER A 185 -7.16 6.17 4.59
CA SER A 185 -6.08 6.99 4.06
C SER A 185 -4.70 6.69 4.63
N GLY A 186 -3.71 6.66 3.73
CA GLY A 186 -2.36 6.37 4.13
C GLY A 186 -2.18 4.87 4.10
N GLY A 187 -3.29 4.17 3.95
CA GLY A 187 -3.28 2.72 3.92
C GLY A 187 -2.67 2.12 2.65
N PRO A 188 -2.51 0.78 2.62
CA PRO A 188 -1.93 0.11 1.46
C PRO A 188 -2.78 -0.17 0.22
N HIS A 189 -2.13 0.01 -0.93
CA HIS A 189 -2.73 -0.35 -2.20
C HIS A 189 -1.60 -1.21 -2.75
N VAL A 190 -1.86 -2.51 -2.83
CA VAL A 190 -0.88 -3.47 -3.33
C VAL A 190 -1.41 -4.23 -4.53
N THR A 191 -0.48 -4.72 -5.34
CA THR A 191 -0.83 -5.48 -6.53
C THR A 191 -0.13 -6.82 -6.42
N ARG A 192 -0.90 -7.87 -6.61
CA ARG A 192 -0.36 -9.22 -6.53
C ARG A 192 0.21 -9.69 -7.86
N PHE A 193 1.37 -10.32 -7.80
CA PHE A 193 2.01 -10.87 -8.99
C PHE A 193 2.67 -12.19 -8.59
N LYS A 194 2.17 -13.29 -9.13
CA LYS A 194 2.68 -14.62 -8.80
C LYS A 194 2.82 -14.83 -7.29
N ASP A 195 1.72 -14.67 -6.57
CA ASP A 195 1.71 -14.90 -5.12
C ASP A 195 2.49 -13.93 -4.24
N THR A 196 3.07 -12.89 -4.85
CA THR A 196 3.81 -11.91 -4.06
C THR A 196 3.14 -10.55 -4.23
N TYR A 197 2.96 -9.85 -3.12
CA TYR A 197 2.31 -8.55 -3.12
C TYR A 197 3.25 -7.35 -3.09
N PHE A 198 3.12 -6.48 -4.09
CA PHE A 198 3.95 -5.29 -4.21
C PHE A 198 3.19 -4.00 -3.94
N VAL A 199 3.78 -3.11 -3.16
CA VAL A 199 3.13 -1.84 -2.87
C VAL A 199 3.00 -1.03 -4.15
N THR A 200 1.77 -0.64 -4.50
CA THR A 200 1.58 0.15 -5.71
C THR A 200 0.97 1.52 -5.45
N GLY A 201 0.33 1.68 -4.29
CA GLY A 201 -0.26 2.98 -4.01
C GLY A 201 -0.47 3.26 -2.55
N ILE A 202 -0.96 4.46 -2.27
CA ILE A 202 -1.28 4.91 -0.92
C ILE A 202 -2.68 5.52 -1.02
N VAL A 203 -3.59 5.06 -0.17
CA VAL A 203 -4.94 5.61 -0.20
C VAL A 203 -4.84 7.12 0.03
N SER A 204 -5.26 7.91 -0.96
CA SER A 204 -5.16 9.35 -0.82
C SER A 204 -6.48 10.10 -0.58
N TRP A 205 -7.40 10.03 -1.52
CA TRP A 205 -8.66 10.73 -1.34
C TRP A 205 -9.74 10.30 -2.32
N GLY A 206 -10.91 10.94 -2.16
CA GLY A 206 -12.03 10.66 -3.03
C GLY A 206 -13.18 11.60 -2.76
N GLU A 207 -14.00 11.84 -3.77
CA GLU A 207 -15.16 12.69 -3.63
C GLU A 207 -16.24 11.82 -3.00
N GLY A 208 -16.25 11.77 -1.67
CA GLY A 208 -17.21 10.93 -0.99
C GLY A 208 -16.68 9.51 -1.07
N CYS A 209 -17.53 8.51 -0.83
CA CYS A 209 -17.06 7.13 -0.88
C CYS A 209 -17.97 6.17 -1.67
N ALA A 210 -17.44 5.70 -2.79
CA ALA A 210 -18.12 4.75 -3.66
C ALA A 210 -19.30 5.35 -4.41
N ARG A 211 -19.27 6.66 -4.63
CA ARG A 211 -20.33 7.34 -5.35
C ARG A 211 -20.35 6.97 -6.83
N LYS A 212 -21.51 7.17 -7.45
CA LYS A 212 -21.65 6.86 -8.86
C LYS A 212 -20.81 7.85 -9.65
N GLY A 213 -20.13 7.36 -10.68
CA GLY A 213 -19.30 8.22 -11.50
C GLY A 213 -18.06 8.78 -10.83
N LYS A 214 -17.74 8.28 -9.63
CA LYS A 214 -16.57 8.74 -8.90
C LYS A 214 -15.64 7.57 -8.58
N TYR A 215 -14.34 7.83 -8.52
CA TYR A 215 -13.37 6.78 -8.25
C TYR A 215 -12.47 7.11 -7.06
N GLY A 216 -11.74 6.11 -6.57
CA GLY A 216 -10.82 6.32 -5.46
C GLY A 216 -9.50 6.85 -6.01
N ILE A 217 -8.89 7.81 -5.30
CA ILE A 217 -7.63 8.39 -5.76
C ILE A 217 -6.47 7.95 -4.86
N TYR A 218 -5.43 7.41 -5.49
CA TYR A 218 -4.26 6.91 -4.78
C TYR A 218 -2.96 7.59 -5.20
N THR A 219 -2.04 7.71 -4.25
CA THR A 219 -0.73 8.29 -4.52
C THR A 219 -0.04 7.25 -5.38
N LYS A 220 0.68 7.69 -6.41
CA LYS A 220 1.39 6.79 -7.31
C LYS A 220 2.77 6.43 -6.76
N VAL A 221 2.86 5.32 -6.03
CA VAL A 221 4.11 4.88 -5.44
C VAL A 221 5.29 4.79 -6.41
N THR A 222 5.05 4.40 -7.66
CA THR A 222 6.15 4.29 -8.61
C THR A 222 6.78 5.65 -8.92
N ALA A 223 6.08 6.73 -8.57
CA ALA A 223 6.64 8.06 -8.82
C ALA A 223 7.52 8.55 -7.66
N PHE A 224 7.59 7.76 -6.58
CA PHE A 224 8.37 8.16 -5.42
C PHE A 224 9.30 7.08 -4.86
N LEU A 225 9.58 6.04 -5.64
CA LEU A 225 10.44 4.95 -5.20
C LEU A 225 11.84 5.41 -4.81
N LYS A 226 12.40 6.32 -5.60
CA LYS A 226 13.73 6.84 -5.31
C LYS A 226 13.66 7.63 -4.01
N TRP A 227 12.62 8.44 -3.89
CA TRP A 227 12.39 9.26 -2.71
C TRP A 227 12.24 8.35 -1.49
N ILE A 228 11.53 7.24 -1.68
CA ILE A 228 11.31 6.30 -0.59
C ILE A 228 12.62 5.66 -0.18
N ASP A 229 13.43 5.26 -1.16
CA ASP A 229 14.71 4.65 -0.87
C ASP A 229 15.55 5.59 -0.02
N ARG A 230 15.59 6.86 -0.43
CA ARG A 230 16.35 7.86 0.30
C ARG A 230 15.81 8.07 1.69
N SER A 231 14.49 8.15 1.83
CA SER A 231 13.86 8.36 3.12
C SER A 231 14.15 7.26 4.13
N MET A 232 14.44 6.05 3.65
CA MET A 232 14.71 4.92 4.54
C MET A 232 16.18 4.79 4.94
N LYS A 233 16.90 5.91 4.89
CA LYS A 233 18.30 5.92 5.25
C LYS A 233 18.55 7.15 6.12
N THR A 234 17.47 7.79 6.52
CA THR A 234 17.53 8.98 7.35
C THR A 234 16.16 9.25 7.96
N LYS B 1 9.78 -11.04 -27.82
CA LYS B 1 8.90 -10.30 -26.88
C LYS B 1 9.54 -10.13 -25.51
N LEU B 2 10.48 -11.01 -25.19
CA LEU B 2 11.21 -10.97 -23.93
C LEU B 2 10.32 -10.72 -22.72
N CYS B 3 10.51 -9.57 -22.06
CA CYS B 3 9.72 -9.24 -20.88
C CYS B 3 8.23 -9.14 -21.19
N SER B 4 7.88 -8.76 -22.41
CA SER B 4 6.48 -8.62 -22.80
C SER B 4 5.79 -9.97 -22.94
N LEU B 5 6.59 -11.02 -23.01
CA LEU B 5 6.05 -12.36 -23.13
C LEU B 5 6.09 -13.06 -21.77
N ASP B 6 4.97 -13.00 -21.06
CA ASP B 6 4.84 -13.62 -19.75
C ASP B 6 5.95 -13.23 -18.76
N ASN B 7 6.24 -11.93 -18.68
CA ASN B 7 7.26 -11.41 -17.78
C ASN B 7 8.61 -12.09 -17.97
N GLY B 8 8.83 -12.61 -19.17
CA GLY B 8 10.09 -13.27 -19.50
C GLY B 8 10.40 -14.46 -18.62
N ASP B 9 9.36 -15.09 -18.10
CA ASP B 9 9.48 -16.26 -17.22
C ASP B 9 10.11 -15.93 -15.87
N CYS B 10 10.27 -14.65 -15.56
CA CYS B 10 10.87 -14.24 -14.28
C CYS B 10 9.81 -14.31 -13.19
N ASP B 11 10.22 -14.56 -11.94
CA ASP B 11 9.28 -14.57 -10.84
C ASP B 11 8.88 -13.14 -10.48
N GLN B 12 9.85 -12.23 -10.52
CA GLN B 12 9.59 -10.85 -10.15
C GLN B 12 10.00 -9.82 -11.22
N PHE B 13 11.04 -9.03 -10.93
CA PHE B 13 11.48 -8.00 -11.88
C PHE B 13 12.09 -8.58 -13.14
N CYS B 14 11.76 -7.95 -14.26
CA CYS B 14 12.25 -8.37 -15.56
C CYS B 14 12.83 -7.19 -16.35
N HIS B 15 14.05 -7.36 -16.84
CA HIS B 15 14.74 -6.34 -17.62
C HIS B 15 15.23 -6.92 -18.94
N GLU B 16 15.19 -6.10 -19.98
CA GLU B 16 15.66 -6.50 -21.29
C GLU B 16 17.02 -5.84 -21.50
N GLU B 17 18.10 -6.60 -21.28
CA GLU B 17 19.45 -6.09 -21.43
C GLU B 17 20.15 -6.76 -22.62
N GLN B 18 20.50 -5.96 -23.62
CA GLN B 18 21.15 -6.46 -24.82
C GLN B 18 20.26 -7.48 -25.53
N ASN B 19 19.02 -7.08 -25.75
CA ASN B 19 18.01 -7.92 -26.40
C ASN B 19 17.88 -9.29 -25.74
N SER B 20 18.21 -9.36 -24.46
CA SER B 20 18.11 -10.61 -23.70
C SER B 20 17.39 -10.36 -22.38
N VAL B 21 16.61 -11.34 -21.91
CA VAL B 21 15.88 -11.20 -20.66
C VAL B 21 16.76 -11.38 -19.44
N VAL B 22 16.61 -10.47 -18.47
CA VAL B 22 17.37 -10.53 -17.23
C VAL B 22 16.43 -10.34 -16.04
N CYS B 23 16.34 -11.34 -15.17
CA CYS B 23 15.45 -11.30 -14.01
C CYS B 23 16.18 -10.84 -12.75
N SER B 24 15.43 -10.24 -11.85
CA SER B 24 15.96 -9.78 -10.56
C SER B 24 14.86 -9.91 -9.51
N CYS B 25 15.21 -9.71 -8.24
CA CYS B 25 14.26 -9.84 -7.15
C CYS B 25 14.29 -8.68 -6.17
N ALA B 26 13.22 -8.55 -5.40
CA ALA B 26 13.10 -7.51 -4.38
C ALA B 26 14.05 -7.81 -3.22
N ARG B 27 14.28 -6.80 -2.38
CA ARG B 27 15.18 -6.98 -1.23
C ARG B 27 14.62 -8.04 -0.31
N GLY B 28 15.43 -9.06 -0.02
CA GLY B 28 14.97 -10.13 0.84
C GLY B 28 14.84 -11.45 0.09
N TYR B 29 14.98 -11.38 -1.22
CA TYR B 29 14.91 -12.55 -2.08
C TYR B 29 16.23 -12.72 -2.80
N THR B 30 16.54 -13.95 -3.16
CA THR B 30 17.77 -14.27 -3.86
C THR B 30 17.39 -14.90 -5.19
N LEU B 31 18.00 -14.43 -6.27
CA LEU B 31 17.72 -14.99 -7.58
C LEU B 31 18.21 -16.44 -7.50
N ALA B 32 17.39 -17.38 -7.97
CA ALA B 32 17.76 -18.78 -7.93
C ALA B 32 18.77 -19.12 -9.03
N ASP B 33 19.33 -20.32 -8.95
CA ASP B 33 20.32 -20.79 -9.91
C ASP B 33 19.84 -20.76 -11.36
N ASN B 34 18.53 -20.86 -11.58
CA ASN B 34 18.02 -20.81 -12.94
C ASN B 34 17.89 -19.35 -13.39
N GLY B 35 18.32 -18.42 -12.53
CA GLY B 35 18.24 -17.01 -12.86
C GLY B 35 16.85 -16.47 -13.14
N LYS B 36 15.82 -17.12 -12.61
CA LYS B 36 14.46 -16.68 -12.86
C LYS B 36 13.64 -16.61 -11.58
N ALA B 37 13.65 -17.70 -10.81
CA ALA B 37 12.90 -17.76 -9.57
C ALA B 37 13.54 -16.91 -8.49
N CYS B 38 12.72 -16.46 -7.54
CA CYS B 38 13.19 -15.65 -6.44
C CYS B 38 13.07 -16.46 -5.14
N ILE B 39 14.14 -16.54 -4.38
CA ILE B 39 14.18 -17.30 -3.13
C ILE B 39 14.24 -16.40 -1.91
N PRO B 40 13.34 -16.63 -0.93
CA PRO B 40 13.37 -15.81 0.29
C PRO B 40 14.65 -16.11 1.04
N THR B 41 15.36 -15.08 1.48
CA THR B 41 16.62 -15.27 2.20
C THR B 41 16.40 -15.58 3.67
N GLY B 42 15.31 -15.09 4.23
CA GLY B 42 15.02 -15.34 5.64
C GLY B 42 13.53 -15.45 5.90
N PRO B 43 13.13 -15.56 7.18
CA PRO B 43 11.71 -15.66 7.49
C PRO B 43 10.96 -14.36 7.22
N TYR B 44 9.66 -14.49 7.03
CA TYR B 44 8.79 -13.36 6.78
C TYR B 44 9.29 -12.45 5.66
N PRO B 45 9.40 -13.00 4.44
CA PRO B 45 9.86 -12.23 3.28
C PRO B 45 8.76 -11.25 2.88
N CYS B 46 9.13 -10.13 2.28
CA CYS B 46 8.13 -9.14 1.88
C CYS B 46 7.19 -9.66 0.81
N GLY B 47 5.96 -9.15 0.84
CA GLY B 47 4.97 -9.55 -0.15
C GLY B 47 4.30 -10.88 0.08
N LYS B 48 4.65 -11.59 1.16
CA LYS B 48 4.03 -12.89 1.44
C LYS B 48 3.05 -12.88 2.61
N GLN B 49 1.82 -13.31 2.35
CA GLN B 49 0.82 -13.38 3.41
C GLN B 49 1.32 -14.42 4.40
N THR B 50 1.23 -14.11 5.71
CA THR B 50 1.69 -15.06 6.72
C THR B 50 0.74 -16.26 6.89
N LEU B 51 1.25 -17.44 6.57
CA LEU B 51 0.50 -18.70 6.65
C LEU B 51 0.69 -19.42 7.98
N GLU B 52 1.95 -19.65 8.34
CA GLU B 52 2.29 -20.34 9.57
C GLU B 52 2.74 -19.37 10.66
#